data_2Q1V
#
_entry.id   2Q1V
#
_cell.length_a   79.873
_cell.length_b   79.873
_cell.length_c   114.588
_cell.angle_alpha   90.00
_cell.angle_beta   90.00
_cell.angle_gamma   90.00
#
_symmetry.space_group_name_H-M   'P 43 21 2'
#
loop_
_entity.id
_entity.type
_entity.pdbx_description
1 polymer AncCR
2 non-polymer 17,21-DIHYDROXYPREGNA-1,4-DIENE-3,11,20-TRIONE
3 non-polymer GLYCEROL
4 water water
#
_entity_poly.entity_id   1
_entity_poly.type   'polypeptide(L)'
_entity_poly.pdbx_seq_one_letter_code
;GEFLISILEAIEPEVVYAGYDNSQPDTTNYLLSSLNRLAGKQMVSVVKWAKALPGFRNLHLDDQMTLIQYSWMSLMAFSL
GWRSYKHTNGQMLYFAPDLIFNEERMQQSAMYDLCQGMRQISQEFVRLQVTYEEFLCMKVLLLLSTVPKDGLKSQASFDE
MRMNYIKELRRAIAKKENNSSQNWQRFYQLTKLLDSMHDLVGGLLQFCFYTFVQSQALSVEFPEMLVEIISDQLPKVMAG
MAKPLLFHKK
;
_entity_poly.pdbx_strand_id   A
#
loop_
_chem_comp.id
_chem_comp.type
_chem_comp.name
_chem_comp.formula
GOL non-polymer GLYCEROL 'C3 H8 O3'
PDN non-polymer 17,21-DIHYDROXYPREGNA-1,4-DIENE-3,11,20-TRIONE 'C21 H26 O5'
#
# COMPACT_ATOMS: atom_id res chain seq x y z
N PHE A 3 19.69 10.52 -8.46
CA PHE A 3 19.25 11.73 -7.70
C PHE A 3 17.75 11.66 -7.40
N LEU A 4 17.01 11.04 -8.30
CA LEU A 4 15.57 10.90 -8.11
C LEU A 4 15.40 9.92 -6.95
N ILE A 5 16.24 8.90 -6.94
CA ILE A 5 16.20 7.89 -5.90
C ILE A 5 16.65 8.49 -4.57
N SER A 6 17.63 9.41 -4.61
CA SER A 6 18.10 10.05 -3.40
C SER A 6 16.95 10.85 -2.81
N ILE A 7 16.09 11.39 -3.68
CA ILE A 7 14.94 12.16 -3.24
C ILE A 7 13.93 11.22 -2.58
N LEU A 8 13.79 10.02 -3.12
CA LEU A 8 12.85 9.04 -2.58
C LEU A 8 13.29 8.61 -1.18
N GLU A 9 14.59 8.45 -0.98
CA GLU A 9 15.10 8.05 0.32
C GLU A 9 14.88 9.18 1.33
N ALA A 10 14.99 10.41 0.86
CA ALA A 10 14.82 11.58 1.71
C ALA A 10 13.37 11.78 2.17
N ILE A 11 12.41 11.61 1.26
CA ILE A 11 11.02 11.82 1.62
C ILE A 11 10.30 10.58 2.18
N GLU A 12 10.98 9.44 2.21
CA GLU A 12 10.35 8.24 2.74
C GLU A 12 9.90 8.53 4.17
N PRO A 13 8.61 8.33 4.46
CA PRO A 13 8.05 8.59 5.80
C PRO A 13 8.77 7.91 6.95
N GLU A 14 8.74 8.56 8.10
CA GLU A 14 9.37 7.99 9.30
C GLU A 14 8.39 6.96 9.86
N VAL A 15 8.86 6.09 10.73
CA VAL A 15 8.02 5.05 11.32
C VAL A 15 6.79 5.62 12.02
N VAL A 16 5.66 4.93 11.84
CA VAL A 16 4.40 5.34 12.45
C VAL A 16 4.00 4.33 13.52
N TYR A 17 3.69 4.82 14.71
CA TYR A 17 3.29 3.94 15.81
C TYR A 17 1.78 3.82 15.86
N ALA A 18 1.29 2.68 16.33
CA ALA A 18 -0.14 2.45 16.40
C ALA A 18 -0.77 3.14 17.61
N GLY A 19 -0.02 3.28 18.71
CA GLY A 19 -0.59 3.89 19.89
C GLY A 19 -1.47 2.85 20.56
N TYR A 20 -1.13 1.59 20.31
CA TYR A 20 -1.85 0.43 20.83
C TYR A 20 -1.62 0.24 22.33
N ASP A 21 -2.66 -0.18 23.03
CA ASP A 21 -2.60 -0.41 24.48
C ASP A 21 -2.68 -1.89 24.78
N ASN A 22 -1.53 -2.52 25.00
CA ASN A 22 -1.48 -3.94 25.27
C ASN A 22 -2.15 -4.37 26.57
N SER A 23 -2.61 -3.42 27.38
CA SER A 23 -3.28 -3.79 28.62
C SER A 23 -4.72 -4.23 28.35
N GLN A 24 -5.20 -3.94 27.14
CA GLN A 24 -6.57 -4.29 26.74
C GLN A 24 -6.65 -5.66 26.06
N PRO A 25 -7.79 -6.35 26.20
CA PRO A 25 -7.98 -7.68 25.59
C PRO A 25 -7.91 -7.57 24.06
N ASP A 26 -7.31 -8.56 23.41
CA ASP A 26 -7.20 -8.55 21.96
C ASP A 26 -8.42 -9.18 21.28
N THR A 27 -9.56 -8.50 21.39
CA THR A 27 -10.78 -8.97 20.76
C THR A 27 -10.67 -8.53 19.30
N THR A 28 -11.52 -9.09 18.45
CA THR A 28 -11.50 -8.71 17.04
C THR A 28 -11.79 -7.21 16.95
N ASN A 29 -12.77 -6.75 17.72
CA ASN A 29 -13.16 -5.34 17.71
C ASN A 29 -11.99 -4.41 18.03
N TYR A 30 -11.22 -4.74 19.07
CA TYR A 30 -10.10 -3.88 19.45
C TYR A 30 -8.95 -3.97 18.46
N LEU A 31 -8.65 -5.17 17.98
CA LEU A 31 -7.56 -5.33 17.03
C LEU A 31 -7.85 -4.56 15.74
N LEU A 32 -9.06 -4.73 15.18
CA LEU A 32 -9.40 -4.04 13.95
C LEU A 32 -9.49 -2.53 14.12
N SER A 33 -10.08 -2.08 15.23
CA SER A 33 -10.18 -0.65 15.49
C SER A 33 -8.78 -0.07 15.67
N SER A 34 -7.90 -0.87 16.27
CA SER A 34 -6.51 -0.44 16.50
C SER A 34 -5.78 -0.31 15.18
N LEU A 35 -5.98 -1.28 14.29
CA LEU A 35 -5.35 -1.24 12.98
C LEU A 35 -5.86 -0.06 12.15
N ASN A 36 -7.15 0.25 12.28
CA ASN A 36 -7.72 1.37 11.54
C ASN A 36 -7.17 2.70 12.06
N ARG A 37 -6.93 2.78 13.37
CA ARG A 37 -6.37 4.00 13.93
C ARG A 37 -4.97 4.18 13.36
N LEU A 38 -4.23 3.08 13.27
CA LEU A 38 -2.87 3.11 12.73
C LEU A 38 -2.95 3.59 11.28
N ALA A 39 -3.95 3.09 10.55
CA ALA A 39 -4.14 3.46 9.15
C ALA A 39 -4.36 4.95 8.99
N GLY A 40 -5.15 5.52 9.90
CA GLY A 40 -5.41 6.95 9.84
C GLY A 40 -4.13 7.74 9.98
N LYS A 41 -3.27 7.31 10.90
CA LYS A 41 -1.99 7.98 11.12
C LYS A 41 -1.07 7.81 9.91
N GLN A 42 -1.08 6.61 9.34
CA GLN A 42 -0.26 6.33 8.17
C GLN A 42 -0.72 7.16 6.96
N MET A 43 -2.03 7.39 6.88
CA MET A 43 -2.60 8.16 5.78
C MET A 43 -1.97 9.55 5.75
N VAL A 44 -1.83 10.15 6.92
CA VAL A 44 -1.22 11.48 7.01
C VAL A 44 0.17 11.42 6.40
N SER A 45 0.94 10.40 6.77
CA SER A 45 2.29 10.24 6.24
C SER A 45 2.29 10.03 4.72
N VAL A 46 1.35 9.22 4.25
CA VAL A 46 1.22 8.92 2.82
C VAL A 46 0.94 10.16 1.97
N VAL A 47 0.00 10.99 2.41
CA VAL A 47 -0.35 12.19 1.66
C VAL A 47 0.84 13.15 1.59
N LYS A 48 1.47 13.38 2.75
CA LYS A 48 2.62 14.26 2.81
C LYS A 48 3.70 13.72 1.87
N TRP A 49 3.80 12.41 1.80
CA TRP A 49 4.77 11.74 0.94
C TRP A 49 4.45 11.98 -0.53
N ALA A 50 3.20 11.73 -0.90
CA ALA A 50 2.76 11.91 -2.28
C ALA A 50 3.04 13.32 -2.79
N LYS A 51 2.78 14.31 -1.95
CA LYS A 51 3.00 15.71 -2.30
C LYS A 51 4.48 16.05 -2.51
N ALA A 52 5.37 15.27 -1.91
CA ALA A 52 6.80 15.51 -2.04
C ALA A 52 7.41 14.72 -3.19
N LEU A 53 6.61 13.89 -3.84
CA LEU A 53 7.09 13.08 -4.95
C LEU A 53 7.30 13.91 -6.22
N PRO A 54 8.52 13.90 -6.76
CA PRO A 54 8.80 14.67 -7.98
C PRO A 54 7.79 14.33 -9.08
N GLY A 55 6.97 15.31 -9.44
CA GLY A 55 5.99 15.10 -10.49
C GLY A 55 4.55 15.03 -10.05
N PHE A 56 4.31 14.61 -8.81
CA PHE A 56 2.95 14.50 -8.30
C PHE A 56 2.22 15.84 -8.31
N ARG A 57 2.90 16.87 -7.83
CA ARG A 57 2.34 18.21 -7.79
C ARG A 57 1.89 18.69 -9.17
N ASN A 58 2.61 18.26 -10.20
CA ASN A 58 2.31 18.65 -11.57
C ASN A 58 0.96 18.14 -12.06
N LEU A 59 0.39 17.17 -11.37
CA LEU A 59 -0.90 16.61 -11.75
C LEU A 59 -2.03 17.48 -11.22
N HIS A 60 -3.20 17.36 -11.81
CA HIS A 60 -4.36 18.12 -11.37
C HIS A 60 -4.69 17.73 -9.93
N LEU A 61 -5.33 18.63 -9.20
CA LEU A 61 -5.69 18.36 -7.82
C LEU A 61 -6.65 17.19 -7.67
N ASP A 62 -7.55 17.02 -8.64
CA ASP A 62 -8.50 15.91 -8.58
C ASP A 62 -7.80 14.59 -8.89
N ASP A 63 -6.75 14.66 -9.71
CA ASP A 63 -6.01 13.46 -10.06
C ASP A 63 -5.20 13.00 -8.85
N GLN A 64 -4.62 13.96 -8.13
CA GLN A 64 -3.85 13.64 -6.94
C GLN A 64 -4.75 12.95 -5.93
N MET A 65 -5.95 13.50 -5.75
CA MET A 65 -6.93 12.94 -4.81
C MET A 65 -7.41 11.55 -5.23
N THR A 66 -7.73 11.40 -6.52
CA THR A 66 -8.22 10.13 -7.04
C THR A 66 -7.18 9.04 -6.89
N LEU A 67 -5.93 9.35 -7.21
CA LEU A 67 -4.84 8.38 -7.10
C LEU A 67 -4.63 7.90 -5.68
N ILE A 68 -4.62 8.83 -4.73
CA ILE A 68 -4.44 8.47 -3.33
C ILE A 68 -5.57 7.58 -2.85
N GLN A 69 -6.82 7.96 -3.13
CA GLN A 69 -7.94 7.16 -2.66
C GLN A 69 -8.06 5.79 -3.31
N TYR A 70 -7.58 5.64 -4.54
CA TYR A 70 -7.64 4.34 -5.20
C TYR A 70 -6.49 3.42 -4.79
N SER A 71 -5.38 3.99 -4.36
CA SER A 71 -4.23 3.16 -4.02
C SER A 71 -3.73 3.15 -2.58
N TRP A 72 -4.38 3.86 -1.67
CA TRP A 72 -3.88 3.88 -0.30
C TRP A 72 -3.73 2.49 0.32
N MET A 73 -4.69 1.61 0.06
CA MET A 73 -4.61 0.25 0.63
C MET A 73 -3.39 -0.51 0.10
N SER A 74 -3.13 -0.38 -1.20
CA SER A 74 -1.99 -1.06 -1.80
C SER A 74 -0.68 -0.53 -1.21
N LEU A 75 -0.60 0.78 -1.05
CA LEU A 75 0.59 1.43 -0.50
C LEU A 75 0.88 0.96 0.93
N MET A 76 -0.14 0.93 1.77
CA MET A 76 0.05 0.51 3.16
C MET A 76 0.36 -0.98 3.27
N ALA A 77 -0.29 -1.80 2.45
CA ALA A 77 -0.03 -3.23 2.47
C ALA A 77 1.38 -3.53 1.95
N PHE A 78 1.84 -2.77 0.96
CA PHE A 78 3.17 -2.97 0.39
C PHE A 78 4.24 -2.58 1.43
N SER A 79 4.02 -1.46 2.11
CA SER A 79 4.98 -1.02 3.13
C SER A 79 4.96 -2.00 4.30
N LEU A 80 3.79 -2.54 4.60
CA LEU A 80 3.66 -3.53 5.67
C LEU A 80 4.55 -4.72 5.31
N GLY A 81 4.48 -5.13 4.04
CA GLY A 81 5.30 -6.25 3.60
C GLY A 81 6.79 -5.97 3.77
N TRP A 82 7.19 -4.74 3.50
CA TRP A 82 8.61 -4.36 3.63
C TRP A 82 9.03 -4.40 5.09
N ARG A 83 8.26 -3.76 5.95
CA ARG A 83 8.60 -3.74 7.37
C ARG A 83 8.66 -5.16 7.94
N SER A 84 7.70 -6.00 7.55
CA SER A 84 7.65 -7.36 8.03
C SER A 84 8.88 -8.14 7.54
N TYR A 85 9.34 -7.80 6.35
CA TYR A 85 10.51 -8.43 5.75
C TYR A 85 11.80 -8.05 6.46
N LYS A 86 12.01 -6.75 6.63
CA LYS A 86 13.22 -6.24 7.28
C LYS A 86 13.31 -6.54 8.77
N HIS A 87 12.17 -6.56 9.45
CA HIS A 87 12.14 -6.79 10.89
C HIS A 87 11.91 -8.23 11.35
N THR A 88 11.15 -9.02 10.60
CA THR A 88 10.87 -10.39 11.03
C THR A 88 11.15 -11.41 9.94
N ASN A 89 11.81 -10.98 8.88
CA ASN A 89 12.12 -11.85 7.76
C ASN A 89 10.86 -12.51 7.20
N GLY A 90 9.73 -11.81 7.32
CA GLY A 90 8.48 -12.32 6.80
C GLY A 90 7.72 -13.31 7.67
N GLN A 91 8.09 -13.43 8.94
CA GLN A 91 7.43 -14.37 9.85
C GLN A 91 6.17 -13.77 10.49
N MET A 92 6.24 -12.49 10.83
CA MET A 92 5.11 -11.82 11.46
C MET A 92 4.75 -10.55 10.70
N LEU A 93 3.57 -10.01 10.97
CA LEU A 93 3.16 -8.77 10.30
C LEU A 93 3.50 -7.60 11.21
N TYR A 94 4.51 -6.84 10.80
CA TYR A 94 4.98 -5.67 11.56
C TYR A 94 4.16 -4.43 11.22
N PHE A 95 2.91 -4.39 11.65
CA PHE A 95 2.06 -3.23 11.36
C PHE A 95 2.70 -1.95 11.92
N ALA A 96 3.23 -2.05 13.13
CA ALA A 96 3.89 -0.93 13.80
C ALA A 96 4.84 -1.50 14.86
N PRO A 97 5.81 -0.69 15.32
CA PRO A 97 6.74 -1.21 16.34
C PRO A 97 6.00 -1.68 17.59
N ASP A 98 4.88 -1.01 17.91
CA ASP A 98 4.11 -1.34 19.09
C ASP A 98 2.89 -2.21 18.79
N LEU A 99 2.81 -2.71 17.56
CA LEU A 99 1.69 -3.58 17.19
C LEU A 99 2.13 -4.60 16.14
N ILE A 100 2.73 -5.69 16.61
CA ILE A 100 3.21 -6.76 15.75
C ILE A 100 2.24 -7.94 15.84
N PHE A 101 1.77 -8.41 14.69
CA PHE A 101 0.82 -9.51 14.67
C PHE A 101 1.48 -10.88 14.61
N ASN A 102 1.30 -11.64 15.68
CA ASN A 102 1.82 -12.98 15.77
C ASN A 102 0.65 -13.90 15.41
N GLU A 103 0.86 -15.20 15.57
CA GLU A 103 -0.18 -16.18 15.26
C GLU A 103 -1.47 -15.90 16.02
N GLU A 104 -1.36 -15.63 17.31
CA GLU A 104 -2.53 -15.37 18.15
C GLU A 104 -3.36 -14.18 17.66
N ARG A 105 -2.69 -13.09 17.33
CA ARG A 105 -3.41 -11.92 16.84
C ARG A 105 -4.04 -12.15 15.48
N MET A 106 -3.36 -12.89 14.61
CA MET A 106 -3.92 -13.16 13.29
C MET A 106 -5.22 -13.96 13.46
N GLN A 107 -5.24 -14.83 14.46
CA GLN A 107 -6.41 -15.66 14.75
C GLN A 107 -7.56 -14.83 15.29
N GLN A 108 -7.28 -14.03 16.31
CA GLN A 108 -8.33 -13.21 16.92
C GLN A 108 -8.76 -12.02 16.05
N SER A 109 -8.04 -11.75 14.97
CA SER A 109 -8.38 -10.63 14.10
C SER A 109 -9.61 -10.93 13.23
N ALA A 110 -9.93 -12.22 13.08
CA ALA A 110 -11.05 -12.68 12.26
C ALA A 110 -10.73 -12.56 10.76
N MET A 111 -9.48 -12.19 10.43
CA MET A 111 -9.09 -12.09 9.03
C MET A 111 -7.76 -12.80 8.78
N TYR A 112 -7.62 -14.01 9.36
CA TYR A 112 -6.40 -14.79 9.22
C TYR A 112 -5.97 -14.93 7.75
N ASP A 113 -6.93 -15.22 6.87
CA ASP A 113 -6.62 -15.38 5.46
C ASP A 113 -6.03 -14.11 4.84
N LEU A 114 -6.59 -12.96 5.18
CA LEU A 114 -6.04 -11.71 4.63
C LEU A 114 -4.65 -11.48 5.21
N CYS A 115 -4.47 -11.83 6.49
CA CYS A 115 -3.17 -11.67 7.12
C CYS A 115 -2.13 -12.53 6.40
N GLN A 116 -2.52 -13.74 5.99
CA GLN A 116 -1.58 -14.59 5.28
C GLN A 116 -1.32 -14.06 3.88
N GLY A 117 -2.31 -13.40 3.30
CA GLY A 117 -2.13 -12.83 1.98
C GLY A 117 -1.09 -11.72 2.06
N MET A 118 -1.19 -10.91 3.11
CA MET A 118 -0.23 -9.82 3.30
C MET A 118 1.15 -10.38 3.64
N ARG A 119 1.20 -11.43 4.44
CA ARG A 119 2.48 -12.02 4.82
C ARG A 119 3.18 -12.61 3.59
N GLN A 120 2.41 -13.11 2.63
CA GLN A 120 2.96 -13.69 1.40
C GLN A 120 3.72 -12.63 0.60
N ILE A 121 3.29 -11.38 0.71
CA ILE A 121 3.98 -10.30 0.00
C ILE A 121 5.35 -10.16 0.66
N SER A 122 5.35 -10.23 1.98
CA SER A 122 6.57 -10.11 2.74
C SER A 122 7.52 -11.24 2.36
N GLN A 123 6.98 -12.45 2.19
CA GLN A 123 7.77 -13.61 1.82
C GLN A 123 8.33 -13.49 0.40
N GLU A 124 7.66 -12.72 -0.45
CA GLU A 124 8.17 -12.53 -1.81
C GLU A 124 9.36 -11.60 -1.75
N PHE A 125 9.32 -10.64 -0.83
CA PHE A 125 10.43 -9.70 -0.66
C PHE A 125 11.63 -10.54 -0.23
N VAL A 126 11.37 -11.53 0.63
CA VAL A 126 12.44 -12.41 1.11
C VAL A 126 13.01 -13.23 -0.04
N ARG A 127 12.13 -13.91 -0.78
CA ARG A 127 12.56 -14.75 -1.90
C ARG A 127 13.38 -13.97 -2.92
N LEU A 128 12.92 -12.77 -3.28
CA LEU A 128 13.61 -11.95 -4.26
C LEU A 128 14.73 -11.10 -3.67
N GLN A 129 14.77 -10.99 -2.35
CA GLN A 129 15.78 -10.18 -1.69
C GLN A 129 15.70 -8.77 -2.25
N VAL A 130 14.50 -8.20 -2.24
CA VAL A 130 14.28 -6.85 -2.75
C VAL A 130 15.12 -5.81 -2.03
N THR A 131 15.79 -4.96 -2.80
CA THR A 131 16.63 -3.92 -2.22
C THR A 131 15.77 -2.74 -1.82
N TYR A 132 16.31 -1.89 -0.94
CA TYR A 132 15.58 -0.74 -0.47
C TYR A 132 15.27 0.20 -1.64
N GLU A 133 16.20 0.29 -2.58
CA GLU A 133 15.99 1.15 -3.74
C GLU A 133 14.87 0.60 -4.62
N GLU A 134 14.87 -0.71 -4.86
CA GLU A 134 13.83 -1.31 -5.69
C GLU A 134 12.48 -1.07 -5.00
N PHE A 135 12.44 -1.30 -3.70
CA PHE A 135 11.23 -1.10 -2.90
C PHE A 135 10.67 0.31 -3.06
N LEU A 136 11.54 1.31 -2.92
CA LEU A 136 11.12 2.71 -3.03
C LEU A 136 10.52 3.05 -4.39
N CYS A 137 11.17 2.57 -5.46
CA CYS A 137 10.66 2.84 -6.80
C CYS A 137 9.32 2.12 -6.99
N MET A 138 9.27 0.85 -6.60
CA MET A 138 8.04 0.06 -6.74
C MET A 138 6.87 0.72 -6.02
N LYS A 139 7.14 1.28 -4.84
CA LYS A 139 6.09 1.91 -4.06
C LYS A 139 5.46 3.08 -4.82
N VAL A 140 6.28 3.88 -5.50
CA VAL A 140 5.74 5.01 -6.26
C VAL A 140 4.83 4.46 -7.36
N LEU A 141 5.28 3.39 -8.01
CA LEU A 141 4.50 2.78 -9.07
C LEU A 141 3.11 2.34 -8.60
N LEU A 142 2.99 1.93 -7.34
CA LEU A 142 1.69 1.51 -6.82
C LEU A 142 0.75 2.71 -6.76
N LEU A 143 1.28 3.88 -6.42
CA LEU A 143 0.49 5.10 -6.36
C LEU A 143 -0.01 5.47 -7.76
N LEU A 144 0.67 4.95 -8.76
CA LEU A 144 0.33 5.23 -10.16
C LEU A 144 -0.18 4.01 -10.92
N SER A 145 -0.74 3.03 -10.23
CA SER A 145 -1.22 1.82 -10.91
C SER A 145 -2.70 1.49 -10.83
N THR A 146 -3.49 2.39 -10.23
CA THR A 146 -4.94 2.20 -10.16
C THR A 146 -5.52 3.55 -10.60
N VAL A 147 -6.09 3.57 -11.80
CA VAL A 147 -6.63 4.81 -12.36
C VAL A 147 -8.09 4.71 -12.81
N PRO A 148 -8.73 5.86 -13.05
CA PRO A 148 -10.13 5.90 -13.49
C PRO A 148 -10.24 5.36 -14.91
N LYS A 149 -11.22 4.50 -15.15
CA LYS A 149 -11.40 3.94 -16.49
C LYS A 149 -11.59 5.04 -17.52
N ASP A 150 -12.21 6.14 -17.11
CA ASP A 150 -12.47 7.25 -18.02
C ASP A 150 -11.29 8.20 -18.17
N GLY A 151 -10.17 7.87 -17.54
CA GLY A 151 -8.99 8.71 -17.66
C GLY A 151 -8.81 9.79 -16.61
N LEU A 152 -7.63 10.41 -16.65
CA LEU A 152 -7.26 11.48 -15.73
C LEU A 152 -7.31 12.82 -16.46
N LYS A 153 -7.31 13.90 -15.69
CA LYS A 153 -7.34 15.23 -16.28
C LYS A 153 -5.95 15.64 -16.74
N SER A 154 -4.93 14.99 -16.18
CA SER A 154 -3.56 15.29 -16.54
C SER A 154 -2.86 14.06 -17.10
N GLN A 155 -3.58 13.29 -17.93
CA GLN A 155 -3.02 12.08 -18.53
C GLN A 155 -1.58 12.22 -19.01
N ALA A 156 -1.34 13.19 -19.88
CA ALA A 156 0.00 13.42 -20.42
C ALA A 156 1.06 13.51 -19.33
N SER A 157 0.79 14.31 -18.30
CA SER A 157 1.71 14.48 -17.20
C SER A 157 1.84 13.16 -16.42
N PHE A 158 0.72 12.48 -16.23
CA PHE A 158 0.70 11.20 -15.52
C PHE A 158 1.55 10.17 -16.25
N ASP A 159 1.27 9.99 -17.54
CA ASP A 159 2.00 9.03 -18.36
C ASP A 159 3.49 9.30 -18.30
N GLU A 160 3.86 10.59 -18.33
CA GLU A 160 5.25 10.99 -18.28
C GLU A 160 5.85 10.59 -16.94
N MET A 161 5.14 10.89 -15.86
CA MET A 161 5.60 10.56 -14.52
C MET A 161 5.80 9.07 -14.33
N ARG A 162 4.80 8.28 -14.72
CA ARG A 162 4.87 6.84 -14.57
C ARG A 162 6.12 6.28 -15.26
N MET A 163 6.34 6.64 -16.52
CA MET A 163 7.50 6.15 -17.25
C MET A 163 8.81 6.52 -16.57
N ASN A 164 8.88 7.72 -16.00
CA ASN A 164 10.11 8.14 -15.33
C ASN A 164 10.41 7.24 -14.14
N TYR A 165 9.38 6.88 -13.38
CA TYR A 165 9.57 6.01 -12.23
C TYR A 165 9.82 4.57 -12.61
N ILE A 166 9.31 4.16 -13.78
CA ILE A 166 9.56 2.80 -14.25
C ILE A 166 11.04 2.77 -14.66
N LYS A 167 11.48 3.84 -15.32
CA LYS A 167 12.88 3.94 -15.74
C LYS A 167 13.76 3.90 -14.49
N GLU A 168 13.32 4.60 -13.45
CA GLU A 168 14.07 4.66 -12.20
C GLU A 168 14.22 3.26 -11.61
N LEU A 169 13.16 2.47 -11.70
CA LEU A 169 13.19 1.11 -11.19
C LEU A 169 14.26 0.30 -11.90
N ARG A 170 14.28 0.38 -13.23
CA ARG A 170 15.29 -0.35 -13.99
C ARG A 170 16.69 0.13 -13.60
N ARG A 171 16.80 1.40 -13.22
CA ARG A 171 18.08 1.95 -12.79
C ARG A 171 18.49 1.23 -11.50
N ALA A 172 17.58 1.16 -10.55
CA ALA A 172 17.83 0.51 -9.27
C ALA A 172 18.18 -0.96 -9.50
N ILE A 173 17.54 -1.55 -10.50
CA ILE A 173 17.77 -2.95 -10.84
C ILE A 173 19.19 -3.16 -11.37
N ALA A 174 19.64 -2.23 -12.20
CA ALA A 174 20.98 -2.31 -12.78
C ALA A 174 22.05 -1.93 -11.76
N ASN A 178 24.63 -5.74 -13.54
CA ASN A 178 25.20 -6.94 -14.16
C ASN A 178 24.69 -7.17 -15.58
N ASN A 179 24.46 -8.42 -15.93
CA ASN A 179 24.00 -8.81 -17.28
C ASN A 179 22.63 -8.23 -17.68
N SER A 180 22.47 -7.92 -18.97
CA SER A 180 21.21 -7.34 -19.48
C SER A 180 20.02 -8.30 -19.33
N SER A 181 20.23 -9.57 -19.66
CA SER A 181 19.15 -10.55 -19.55
C SER A 181 18.80 -10.73 -18.09
N GLN A 182 19.80 -10.62 -17.22
CA GLN A 182 19.58 -10.74 -15.78
C GLN A 182 18.72 -9.59 -15.28
N ASN A 183 18.97 -8.39 -15.81
CA ASN A 183 18.21 -7.21 -15.42
C ASN A 183 16.78 -7.35 -15.92
N TRP A 184 16.62 -7.92 -17.12
CA TRP A 184 15.30 -8.12 -17.68
C TRP A 184 14.50 -9.09 -16.83
N GLN A 185 15.16 -10.16 -16.39
CA GLN A 185 14.50 -11.15 -15.56
C GLN A 185 14.05 -10.50 -14.26
N ARG A 186 14.91 -9.67 -13.69
CA ARG A 186 14.61 -8.96 -12.44
C ARG A 186 13.39 -8.05 -12.62
N PHE A 187 13.34 -7.36 -13.75
CA PHE A 187 12.22 -6.47 -14.02
C PHE A 187 10.95 -7.30 -14.15
N TYR A 188 11.07 -8.43 -14.82
CA TYR A 188 9.93 -9.33 -15.01
C TYR A 188 9.39 -9.77 -13.64
N GLN A 189 10.29 -10.22 -12.76
CA GLN A 189 9.90 -10.68 -11.44
C GLN A 189 9.35 -9.59 -10.53
N LEU A 190 9.99 -8.43 -10.52
CA LEU A 190 9.52 -7.36 -9.65
C LEU A 190 8.15 -6.83 -10.09
N THR A 191 7.92 -6.75 -11.40
CA THR A 191 6.64 -6.23 -11.88
C THR A 191 5.54 -7.28 -11.70
N LYS A 192 5.93 -8.55 -11.60
CA LYS A 192 4.97 -9.61 -11.36
C LYS A 192 4.46 -9.40 -9.93
N LEU A 193 5.37 -9.03 -9.04
CA LEU A 193 5.01 -8.77 -7.65
C LEU A 193 4.06 -7.57 -7.60
N LEU A 194 4.36 -6.53 -8.37
CA LEU A 194 3.49 -5.35 -8.41
C LEU A 194 2.09 -5.73 -8.86
N ASP A 195 2.00 -6.48 -9.95
CA ASP A 195 0.70 -6.90 -10.47
C ASP A 195 -0.07 -7.74 -9.44
N SER A 196 0.64 -8.55 -8.65
CA SER A 196 -0.01 -9.41 -7.66
C SER A 196 -0.72 -8.62 -6.56
N MET A 197 -0.36 -7.35 -6.40
CA MET A 197 -1.00 -6.53 -5.36
C MET A 197 -2.50 -6.31 -5.62
N HIS A 198 -2.90 -6.23 -6.89
CA HIS A 198 -4.31 -5.99 -7.20
C HIS A 198 -5.26 -7.03 -6.62
N ASP A 199 -4.97 -8.31 -6.79
CA ASP A 199 -5.86 -9.32 -6.24
C ASP A 199 -5.89 -9.27 -4.71
N LEU A 200 -4.72 -9.08 -4.10
CA LEU A 200 -4.66 -8.99 -2.64
C LEU A 200 -5.50 -7.82 -2.14
N VAL A 201 -5.24 -6.64 -2.71
CA VAL A 201 -5.95 -5.43 -2.33
C VAL A 201 -7.46 -5.59 -2.52
N GLY A 202 -7.86 -6.34 -3.55
CA GLY A 202 -9.28 -6.54 -3.75
C GLY A 202 -9.90 -7.18 -2.51
N GLY A 203 -9.18 -8.12 -1.92
CA GLY A 203 -9.68 -8.79 -0.73
C GLY A 203 -9.62 -7.90 0.51
N LEU A 204 -8.55 -7.12 0.63
CA LEU A 204 -8.40 -6.21 1.75
C LEU A 204 -9.51 -5.17 1.73
N LEU A 205 -9.73 -4.57 0.57
CA LEU A 205 -10.78 -3.55 0.44
C LEU A 205 -12.17 -4.13 0.70
N GLN A 206 -12.41 -5.37 0.29
CA GLN A 206 -13.72 -5.96 0.51
C GLN A 206 -14.06 -6.01 2.00
N PHE A 207 -13.09 -6.44 2.81
CA PHE A 207 -13.34 -6.53 4.25
C PHE A 207 -13.38 -5.12 4.85
N CYS A 208 -12.59 -4.21 4.27
CA CYS A 208 -12.53 -2.83 4.73
C CYS A 208 -13.90 -2.16 4.52
N PHE A 209 -14.45 -2.28 3.31
CA PHE A 209 -15.74 -1.69 3.02
C PHE A 209 -16.85 -2.31 3.86
N TYR A 210 -16.80 -3.63 4.02
CA TYR A 210 -17.79 -4.35 4.81
C TYR A 210 -17.84 -3.92 6.28
N THR A 211 -16.67 -3.83 6.93
CA THR A 211 -16.64 -3.41 8.32
C THR A 211 -16.93 -1.91 8.46
N PHE A 212 -16.56 -1.15 7.44
CA PHE A 212 -16.80 0.27 7.42
C PHE A 212 -18.29 0.51 7.38
N VAL A 213 -18.97 -0.16 6.45
CA VAL A 213 -20.40 -0.03 6.30
C VAL A 213 -21.16 -0.37 7.58
N GLN A 214 -20.69 -1.38 8.31
CA GLN A 214 -21.34 -1.76 9.57
C GLN A 214 -20.47 -1.42 10.78
N SER A 215 -19.70 -0.35 10.67
CA SER A 215 -18.81 0.10 11.73
C SER A 215 -19.48 0.13 13.11
N GLN A 216 -20.54 0.90 13.26
CA GLN A 216 -21.22 1.01 14.55
C GLN A 216 -21.75 -0.33 15.03
N ALA A 217 -22.45 -1.05 14.17
CA ALA A 217 -23.01 -2.35 14.54
C ALA A 217 -21.98 -3.38 14.96
N LEU A 218 -20.83 -3.38 14.31
CA LEU A 218 -19.78 -4.36 14.63
C LEU A 218 -18.74 -3.81 15.61
N SER A 219 -18.93 -2.57 16.04
CA SER A 219 -18.01 -1.93 16.96
C SER A 219 -16.58 -1.91 16.41
N VAL A 220 -16.46 -1.63 15.11
CA VAL A 220 -15.14 -1.53 14.49
C VAL A 220 -15.00 -0.06 14.13
N GLU A 221 -14.14 0.62 14.87
CA GLU A 221 -13.93 2.05 14.68
C GLU A 221 -12.97 2.42 13.57
N PHE A 222 -13.30 3.52 12.91
CA PHE A 222 -12.50 4.08 11.83
C PHE A 222 -12.28 5.54 12.14
N PRO A 223 -11.04 6.03 12.01
CA PRO A 223 -10.79 7.44 12.30
C PRO A 223 -11.34 8.29 11.15
N GLU A 224 -11.64 9.55 11.41
CA GLU A 224 -12.20 10.41 10.37
C GLU A 224 -11.29 10.56 9.16
N MET A 225 -9.98 10.47 9.39
CA MET A 225 -9.01 10.58 8.30
C MET A 225 -9.32 9.50 7.27
N LEU A 226 -9.82 8.36 7.74
CA LEU A 226 -10.14 7.24 6.88
C LEU A 226 -11.58 7.24 6.41
N VAL A 227 -12.49 7.65 7.30
CA VAL A 227 -13.90 7.68 6.99
C VAL A 227 -14.19 8.53 5.75
N GLU A 228 -13.57 9.70 5.69
CA GLU A 228 -13.77 10.61 4.57
C GLU A 228 -13.40 9.95 3.25
N ILE A 229 -12.21 9.34 3.20
CA ILE A 229 -11.72 8.69 1.99
C ILE A 229 -12.55 7.48 1.59
N ILE A 230 -12.80 6.57 2.52
CA ILE A 230 -13.58 5.38 2.21
C ILE A 230 -15.01 5.75 1.80
N SER A 231 -15.56 6.78 2.42
CA SER A 231 -16.92 7.23 2.09
C SER A 231 -17.07 7.50 0.60
N ASP A 232 -16.10 8.22 0.02
CA ASP A 232 -16.12 8.55 -1.40
C ASP A 232 -15.61 7.41 -2.28
N GLN A 233 -14.50 6.80 -1.88
CA GLN A 233 -13.91 5.71 -2.62
C GLN A 233 -14.84 4.52 -2.85
N LEU A 234 -15.53 4.09 -1.80
CA LEU A 234 -16.40 2.94 -1.87
C LEU A 234 -17.36 2.92 -3.06
N PRO A 235 -18.21 3.95 -3.21
CA PRO A 235 -19.13 3.93 -4.35
C PRO A 235 -18.42 3.91 -5.70
N LYS A 236 -17.29 4.60 -5.80
CA LYS A 236 -16.51 4.63 -7.05
C LYS A 236 -16.02 3.24 -7.42
N VAL A 237 -15.47 2.53 -6.44
CA VAL A 237 -14.97 1.17 -6.68
C VAL A 237 -16.13 0.23 -6.94
N MET A 238 -17.19 0.35 -6.14
CA MET A 238 -18.36 -0.51 -6.30
C MET A 238 -18.98 -0.35 -7.68
N ALA A 239 -18.95 0.88 -8.19
CA ALA A 239 -19.51 1.18 -9.51
C ALA A 239 -18.59 0.69 -10.61
N GLY A 240 -17.37 0.31 -10.24
CA GLY A 240 -16.40 -0.17 -11.22
C GLY A 240 -15.81 0.94 -12.05
N MET A 241 -15.47 2.05 -11.39
CA MET A 241 -14.90 3.19 -12.10
C MET A 241 -13.38 3.12 -12.23
N ALA A 242 -12.75 2.23 -11.47
CA ALA A 242 -11.30 2.13 -11.51
C ALA A 242 -10.79 0.89 -12.24
N LYS A 243 -9.57 0.98 -12.76
CA LYS A 243 -8.94 -0.13 -13.46
C LYS A 243 -7.46 -0.16 -13.13
N PRO A 244 -6.84 -1.35 -13.17
CA PRO A 244 -5.41 -1.45 -12.87
C PRO A 244 -4.57 -1.23 -14.11
N LEU A 245 -3.32 -0.81 -13.92
CA LEU A 245 -2.39 -0.64 -15.03
C LEU A 245 -1.38 -1.75 -14.80
N LEU A 246 -1.60 -2.88 -15.49
CA LEU A 246 -0.75 -4.05 -15.33
C LEU A 246 0.53 -4.03 -16.16
N PHE A 247 1.49 -4.83 -15.73
CA PHE A 247 2.77 -4.96 -16.40
C PHE A 247 2.85 -6.27 -17.19
N HIS A 248 1.94 -7.19 -16.88
CA HIS A 248 1.93 -8.51 -17.52
C HIS A 248 0.56 -8.99 -18.00
N LYS A 249 0.56 -9.95 -18.91
CA LYS A 249 -0.66 -10.55 -19.41
C LYS A 249 -1.09 -11.57 -18.35
C1 PDN B . -3.33 -1.01 8.61
C2 PDN B . -2.05 -0.24 8.38
C3 PDN B . -1.16 -1.05 7.68
C4 PDN B . -1.65 -1.95 6.75
C5 PDN B . -3.01 -2.10 6.50
C6 PDN B . -3.39 -3.00 5.50
C7 PDN B . -4.55 -3.91 5.89
C8 PDN B . -5.68 -3.08 6.46
C9 PDN B . -5.10 -2.40 7.69
C10 PDN B . -3.96 -1.47 7.30
C11 PDN B . -6.15 -1.73 8.55
C12 PDN B . -7.30 -2.67 8.89
C13 PDN B . -7.86 -3.26 7.61
C14 PDN B . -6.76 -4.03 6.91
C15 PDN B . -7.55 -4.64 5.77
C16 PDN B . -8.79 -5.17 6.48
C17 PDN B . -8.83 -4.40 7.81
C18 PDN B . -8.45 -2.20 6.69
C19 PDN B . -4.50 -0.27 6.53
C20 PDN B . -10.25 -3.94 8.15
C21 PDN B . -10.57 -3.75 9.62
O1 PDN B . 0.04 -1.04 7.94
O2 PDN B . -6.64 -0.51 7.96
O3 PDN B . -8.36 -5.26 8.86
O4 PDN B . -11.13 -3.86 7.28
O5 PDN B . -11.71 -2.89 9.76
C1 GOL C . 11.28 -0.19 -21.50
O1 GOL C . 10.91 -1.51 -21.91
C2 GOL C . 11.26 -0.10 -19.97
O2 GOL C . 10.00 -0.51 -19.46
C3 GOL C . 11.56 1.34 -19.55
O3 GOL C . 11.56 1.44 -18.12
#